data_4XA8
#
_entry.id   4XA8
#
_cell.length_a   58.762
_cell.length_b   63.714
_cell.length_c   154.967
_cell.angle_alpha   90.000
_cell.angle_beta   90.000
_cell.angle_gamma   90.000
#
_symmetry.space_group_name_H-M   'C 2 2 21'
#
loop_
_entity.id
_entity.type
_entity.pdbx_description
1 polymer 'D-isomer specific 2-hydroxyacid dehydrogenase NAD-binding'
2 water water
#
_entity_poly.entity_id   1
_entity_poly.type   'polypeptide(L)'
_entity_poly.pdbx_seq_one_letter_code
;SMNEQASGALVFYSAVDIGQDWKSALQAAHPGLDVRIARAGDGHVEGDPEEVRYALVWKPPHGFFARFPNLKLVINLGAG
VDALVARDDLPDVPVTRLSDPNMSQMMASFVLFCVLRHARDIPTFERAQREGRWHYVHPRTAAEIRVGVLGLGDLGAAAA
LELARHGFDVRGWSRTPKALEGVSCFHGLEALPGFLAGSEIVVVMLPLTPETRGLMNAERLAHLPRGAKFINVARGPVVD
EAALIAALRSGHIAEATLDVFEVEPLPVGSPLWAMDNVLVTPHLASIAIPRTAAPQIVENIRRIEAGEPVLNQVDPRRGY
;
_entity_poly.pdbx_strand_id   A
#
# COMPACT_ATOMS: atom_id res chain seq x y z
N ALA A 6 21.70 19.78 -9.21
CA ALA A 6 22.06 19.81 -10.65
C ALA A 6 21.60 21.13 -11.25
N SER A 7 22.23 22.22 -10.83
CA SER A 7 21.83 23.57 -11.21
C SER A 7 20.40 23.92 -10.74
N GLY A 8 19.93 23.29 -9.65
CA GLY A 8 18.57 23.46 -9.15
C GLY A 8 18.28 22.58 -7.94
N ALA A 9 17.28 22.95 -7.13
CA ALA A 9 17.01 22.24 -5.86
C ALA A 9 15.91 21.20 -6.00
N LEU A 10 16.01 20.16 -5.17
CA LEU A 10 14.92 19.22 -5.00
C LEU A 10 14.18 19.49 -3.71
N VAL A 11 12.85 19.50 -3.79
CA VAL A 11 11.98 19.60 -2.62
C VAL A 11 11.29 18.25 -2.37
N PHE A 12 11.28 17.85 -1.10
CA PHE A 12 10.66 16.62 -0.63
C PHE A 12 9.42 16.93 0.22
N TYR A 13 8.33 16.23 -0.07
CA TYR A 13 7.17 16.27 0.81
C TYR A 13 6.57 14.87 1.01
N SER A 14 6.45 14.46 2.26
CA SER A 14 5.59 13.31 2.58
C SER A 14 5.24 13.26 4.06
N ALA A 15 3.98 12.99 4.39
CA ALA A 15 3.58 12.77 5.82
C ALA A 15 3.81 11.33 6.26
N VAL A 16 4.19 10.46 5.32
CA VAL A 16 4.32 9.01 5.61
C VAL A 16 5.74 8.47 5.32
N ASP A 17 6.71 9.34 5.11
CA ASP A 17 8.10 8.98 4.77
C ASP A 17 9.02 9.94 5.49
N ILE A 18 10.22 9.49 5.83
CA ILE A 18 11.15 10.29 6.62
C ILE A 18 12.06 11.10 5.69
N GLY A 19 11.82 12.41 5.65
CA GLY A 19 12.58 13.33 4.76
C GLY A 19 14.08 13.21 4.86
N GLN A 20 14.60 13.19 6.07
CA GLN A 20 16.05 13.12 6.30
C GLN A 20 16.77 11.91 5.68
N ASP A 21 16.14 10.74 5.72
CA ASP A 21 16.72 9.54 5.12
C ASP A 21 16.80 9.70 3.62
N TRP A 22 15.80 10.34 3.02
CA TRP A 22 15.83 10.56 1.59
C TRP A 22 16.89 11.58 1.23
N LYS A 23 17.03 12.62 2.06
CA LYS A 23 18.03 13.65 1.83
C LYS A 23 19.44 13.04 1.85
N SER A 24 19.71 12.19 2.84
CA SER A 24 21.02 11.55 2.95
C SER A 24 21.36 10.69 1.74
N ALA A 25 20.38 9.91 1.32
CA ALA A 25 20.54 9.02 0.17
C ALA A 25 20.73 9.79 -1.14
N LEU A 26 19.93 10.82 -1.34
CA LEU A 26 20.03 11.67 -2.53
C LEU A 26 21.37 12.44 -2.59
N GLN A 27 21.78 13.01 -1.48
CA GLN A 27 23.07 13.71 -1.42
C GLN A 27 24.28 12.77 -1.44
N ALA A 28 24.11 11.51 -1.05
CA ALA A 28 25.16 10.48 -1.23
C ALA A 28 25.36 10.19 -2.71
N ALA A 29 24.25 9.92 -3.38
CA ALA A 29 24.20 9.66 -4.80
C ALA A 29 24.54 10.89 -5.68
N HIS A 30 24.26 12.10 -5.23
CA HIS A 30 24.62 13.31 -5.99
C HIS A 30 25.13 14.36 -4.99
N PRO A 31 26.46 14.32 -4.66
CA PRO A 31 26.98 15.27 -3.69
C PRO A 31 26.70 16.71 -4.10
N GLY A 32 26.34 17.55 -3.13
CA GLY A 32 26.00 18.93 -3.44
C GLY A 32 24.71 19.09 -4.22
N LEU A 33 23.85 18.07 -4.24
CA LEU A 33 22.48 18.30 -4.73
C LEU A 33 21.80 18.99 -3.56
N ASP A 34 21.00 20.02 -3.85
CA ASP A 34 20.31 20.80 -2.81
C ASP A 34 18.95 20.16 -2.61
N VAL A 35 18.74 19.65 -1.41
CA VAL A 35 17.54 18.90 -1.07
C VAL A 35 16.93 19.68 0.05
N ARG A 36 15.67 20.04 -0.12
CA ARG A 36 14.97 20.81 0.86
C ARG A 36 13.74 20.02 1.27
N ILE A 37 13.62 19.82 2.58
CA ILE A 37 12.52 19.02 3.14
C ILE A 37 11.41 19.99 3.51
N ALA A 38 10.26 19.85 2.86
CA ALA A 38 9.10 20.65 3.20
C ALA A 38 8.45 20.01 4.39
N ARG A 39 7.93 20.87 5.26
CA ARG A 39 7.31 20.49 6.54
C ARG A 39 5.96 19.81 6.33
N ALA A 40 5.76 18.65 6.94
CA ALA A 40 4.45 17.98 6.90
C ALA A 40 3.36 18.95 7.35
N GLY A 41 2.21 18.89 6.68
CA GLY A 41 1.06 19.73 7.05
C GLY A 41 0.96 20.89 6.09
N ASP A 42 1.73 21.95 6.34
CA ASP A 42 1.59 23.17 5.52
C ASP A 42 2.55 23.16 4.34
N GLY A 43 3.55 22.28 4.36
CA GLY A 43 4.51 22.25 3.27
C GLY A 43 5.53 23.39 3.27
N HIS A 44 5.63 24.13 4.37
CA HIS A 44 6.62 25.18 4.48
C HIS A 44 8.01 24.64 4.21
N VAL A 45 8.73 25.30 3.33
CA VAL A 45 10.06 24.89 2.95
C VAL A 45 10.90 26.17 2.94
N GLU A 46 12.10 26.13 3.52
CA GLU A 46 13.04 27.25 3.49
C GLU A 46 13.66 27.44 2.10
N GLY A 47 14.18 28.65 1.87
CA GLY A 47 14.96 28.94 0.67
C GLY A 47 14.16 29.54 -0.45
N ASP A 48 14.85 30.02 -1.50
CA ASP A 48 14.21 30.63 -2.68
C ASP A 48 13.45 29.59 -3.52
N PRO A 49 12.11 29.70 -3.56
CA PRO A 49 11.34 28.65 -4.27
C PRO A 49 11.53 28.64 -5.80
N GLU A 50 11.98 29.75 -6.36
CA GLU A 50 12.34 29.78 -7.78
C GLU A 50 13.49 28.85 -8.12
N GLU A 51 14.29 28.46 -7.13
CA GLU A 51 15.44 27.57 -7.38
C GLU A 51 15.05 26.10 -7.38
N VAL A 52 13.81 25.79 -7.00
CA VAL A 52 13.32 24.43 -6.89
C VAL A 52 12.86 23.93 -8.24
N ARG A 53 13.46 22.84 -8.69
CA ARG A 53 13.17 22.34 -10.02
C ARG A 53 12.67 20.90 -10.06
N TYR A 54 12.80 20.21 -8.94
CA TYR A 54 12.34 18.83 -8.83
C TYR A 54 11.55 18.70 -7.54
N ALA A 55 10.47 17.90 -7.59
CA ALA A 55 9.65 17.59 -6.42
C ALA A 55 9.46 16.08 -6.25
N LEU A 56 9.86 15.58 -5.08
CA LEU A 56 9.66 14.19 -4.69
C LEU A 56 8.61 14.18 -3.60
N VAL A 57 7.44 13.63 -3.90
CA VAL A 57 6.29 13.86 -3.04
C VAL A 57 5.37 12.66 -2.85
N TRP A 58 4.66 12.66 -1.71
CA TRP A 58 3.48 11.83 -1.51
C TRP A 58 2.29 12.67 -0.99
N LYS A 59 1.21 12.72 -1.76
CA LYS A 59 -0.02 13.46 -1.42
C LYS A 59 0.21 14.83 -0.76
N PRO A 60 0.94 15.74 -1.44
CA PRO A 60 1.30 17.03 -0.85
C PRO A 60 0.06 17.87 -0.65
N PRO A 61 0.17 18.96 0.15
CA PRO A 61 -0.97 19.79 0.47
C PRO A 61 -1.55 20.45 -0.78
N HIS A 62 -2.86 20.70 -0.77
CA HIS A 62 -3.55 21.41 -1.87
C HIS A 62 -2.76 22.70 -2.17
N GLY A 63 -2.44 22.94 -3.44
CA GLY A 63 -1.71 24.15 -3.82
C GLY A 63 -0.20 24.08 -3.65
N PHE A 64 0.35 22.92 -3.23
CA PHE A 64 1.78 22.82 -2.98
C PHE A 64 2.63 23.14 -4.22
N PHE A 65 2.26 22.63 -5.37
CA PHE A 65 3.13 22.79 -6.53
C PHE A 65 3.14 24.22 -7.04
N ALA A 66 2.15 25.04 -6.64
CA ALA A 66 2.08 26.40 -7.11
C ALA A 66 3.18 27.23 -6.49
N ARG A 67 3.81 26.70 -5.46
CA ARG A 67 4.93 27.38 -4.84
C ARG A 67 6.17 27.45 -5.74
N PHE A 68 6.24 26.61 -6.77
CA PHE A 68 7.50 26.32 -7.47
C PHE A 68 7.30 26.54 -8.95
N PRO A 69 7.37 27.82 -9.41
CA PRO A 69 7.07 28.09 -10.81
C PRO A 69 8.01 27.41 -11.83
N ASN A 70 9.27 27.14 -11.44
CA ASN A 70 10.29 26.56 -12.34
C ASN A 70 10.46 25.03 -12.22
N LEU A 71 9.51 24.38 -11.55
CA LEU A 71 9.44 22.90 -11.50
C LEU A 71 9.51 22.26 -12.91
N LYS A 72 10.40 21.28 -13.04
CA LYS A 72 10.68 20.58 -14.29
C LYS A 72 10.32 19.09 -14.26
N LEU A 73 10.16 18.55 -13.05
CA LEU A 73 10.07 17.13 -12.81
C LEU A 73 9.36 16.85 -11.47
N VAL A 74 8.35 15.99 -11.50
CA VAL A 74 7.76 15.45 -10.29
C VAL A 74 8.03 13.95 -10.18
N ILE A 75 8.32 13.51 -8.97
CA ILE A 75 8.57 12.11 -8.68
C ILE A 75 7.63 11.69 -7.55
N ASN A 76 6.76 10.73 -7.81
CA ASN A 76 5.81 10.27 -6.82
C ASN A 76 6.44 9.16 -5.97
N LEU A 77 6.34 9.26 -4.64
CA LEU A 77 7.01 8.30 -3.74
C LEU A 77 6.34 6.93 -3.63
N GLY A 78 6.27 6.22 -4.74
CA GLY A 78 5.69 4.87 -4.77
C GLY A 78 5.85 4.39 -6.20
N ARG A 87 -5.82 16.64 -9.99
CA ARG A 87 -4.56 17.18 -10.46
C ARG A 87 -4.46 18.73 -10.38
N ASP A 88 -5.46 19.39 -9.79
CA ASP A 88 -5.77 20.82 -10.03
C ASP A 88 -4.61 21.85 -10.04
N ASP A 89 -3.53 21.63 -9.29
CA ASP A 89 -2.37 22.56 -9.27
C ASP A 89 -1.10 22.00 -9.95
N LEU A 90 -1.18 20.77 -10.47
CA LEU A 90 -0.02 20.09 -11.06
C LEU A 90 0.37 20.80 -12.34
N PRO A 91 1.68 21.15 -12.49
CA PRO A 91 2.05 21.83 -13.72
C PRO A 91 2.21 20.87 -14.91
N ASP A 92 2.54 21.44 -16.06
CA ASP A 92 2.63 20.69 -17.30
C ASP A 92 4.03 20.08 -17.48
N VAL A 93 4.38 19.11 -16.62
CA VAL A 93 5.74 18.55 -16.61
C VAL A 93 5.72 17.03 -16.47
N PRO A 94 6.85 16.37 -16.76
CA PRO A 94 6.93 14.94 -16.54
C PRO A 94 6.70 14.55 -15.07
N VAL A 95 5.94 13.46 -14.90
CA VAL A 95 5.64 12.87 -13.61
C VAL A 95 6.15 11.44 -13.64
N THR A 96 6.99 11.10 -12.69
CA THR A 96 7.56 9.77 -12.64
C THR A 96 7.14 9.08 -11.36
N ARG A 97 7.22 7.76 -11.41
CA ARG A 97 7.06 6.92 -10.25
C ARG A 97 8.40 6.21 -10.03
N LEU A 98 8.56 5.61 -8.87
CA LEU A 98 9.75 4.85 -8.59
C LEU A 98 9.55 3.43 -9.13
N SER A 99 10.59 2.88 -9.72
CA SER A 99 10.57 1.53 -10.20
C SER A 99 11.55 0.79 -9.32
N ASP A 100 11.03 0.04 -8.35
CA ASP A 100 11.90 -0.70 -7.47
C ASP A 100 11.63 -2.15 -7.79
N PRO A 101 12.56 -2.77 -8.51
CA PRO A 101 12.39 -4.09 -9.08
C PRO A 101 12.02 -5.15 -8.09
N ASN A 102 12.23 -4.92 -6.81
CA ASN A 102 11.86 -5.86 -5.76
C ASN A 102 10.62 -5.58 -4.92
N MET A 103 9.84 -4.57 -5.29
CA MET A 103 8.71 -4.22 -4.45
C MET A 103 7.74 -5.38 -4.51
N SER A 104 7.70 -6.04 -5.66
CA SER A 104 6.88 -7.21 -5.86
C SER A 104 7.19 -8.29 -4.80
N GLN A 105 8.48 -8.46 -4.55
CA GLN A 105 9.00 -9.41 -3.52
C GLN A 105 8.68 -8.99 -2.10
N MET A 106 8.99 -7.74 -1.78
CA MET A 106 8.70 -7.21 -0.48
C MET A 106 7.20 -7.21 -0.16
N MET A 107 6.38 -6.87 -1.14
CA MET A 107 4.95 -6.97 -0.97
C MET A 107 4.49 -8.43 -0.78
N ALA A 108 5.00 -9.36 -1.59
CA ALA A 108 4.56 -10.74 -1.46
C ALA A 108 4.95 -11.27 -0.12
N SER A 109 6.14 -10.92 0.35
CA SER A 109 6.62 -11.40 1.66
C SER A 109 5.73 -10.81 2.74
N PHE A 110 5.35 -9.53 2.64
CA PHE A 110 4.49 -8.95 3.65
C PHE A 110 3.07 -9.63 3.68
N VAL A 111 2.51 -9.89 2.49
CA VAL A 111 1.24 -10.59 2.40
C VAL A 111 1.32 -11.97 3.03
N LEU A 112 2.40 -12.68 2.78
CA LEU A 112 2.55 -14.00 3.39
C LEU A 112 2.58 -13.90 4.91
N PHE A 113 3.32 -12.93 5.43
CA PHE A 113 3.27 -12.67 6.88
C PHE A 113 1.84 -12.45 7.39
N CYS A 114 1.06 -11.59 6.71
CA CYS A 114 -0.29 -11.26 7.18
C CYS A 114 -1.24 -12.50 7.08
N VAL A 115 -1.14 -13.23 5.98
CA VAL A 115 -1.96 -14.44 5.78
C VAL A 115 -1.58 -15.47 6.85
N LEU A 116 -0.28 -15.68 7.10
CA LEU A 116 0.13 -16.72 8.08
C LEU A 116 -0.28 -16.32 9.52
N ARG A 117 -0.21 -15.03 9.79
CA ARG A 117 -0.53 -14.52 11.10
C ARG A 117 -2.04 -14.85 11.37
N HIS A 118 -2.93 -14.64 10.41
CA HIS A 118 -4.35 -15.00 10.57
C HIS A 118 -4.64 -16.50 10.53
N ALA A 119 -4.00 -17.20 9.61
CA ALA A 119 -4.24 -18.62 9.43
C ALA A 119 -3.78 -19.39 10.68
N ARG A 120 -2.71 -18.96 11.36
CA ARG A 120 -2.29 -19.64 12.60
C ARG A 120 -2.93 -19.08 13.85
N ASP A 121 -3.88 -18.15 13.70
CA ASP A 121 -4.61 -17.54 14.80
C ASP A 121 -3.71 -16.80 15.77
N ILE A 122 -2.64 -16.19 15.23
CA ILE A 122 -1.71 -15.44 16.09
C ILE A 122 -2.40 -14.35 16.96
N PRO A 123 -3.42 -13.64 16.44
CA PRO A 123 -4.07 -12.62 17.30
C PRO A 123 -4.66 -13.18 18.61
N THR A 124 -5.20 -14.40 18.54
CA THR A 124 -5.72 -15.08 19.70
C THR A 124 -4.60 -15.43 20.70
N PHE A 125 -3.51 -15.97 20.18
CA PHE A 125 -2.33 -16.25 21.00
C PHE A 125 -1.70 -15.03 21.62
N GLU A 126 -1.66 -13.90 20.90
CA GLU A 126 -1.08 -12.66 21.42
C GLU A 126 -1.92 -12.22 22.62
N ARG A 127 -3.25 -12.33 22.51
CA ARG A 127 -4.19 -11.99 23.58
CA ARG A 127 -4.07 -11.91 23.62
C ARG A 127 -3.96 -12.88 24.80
N ALA A 128 -3.85 -14.19 24.53
CA ALA A 128 -3.62 -15.20 25.57
C ALA A 128 -2.34 -14.92 26.41
N GLN A 129 -1.28 -14.53 25.73
CA GLN A 129 -0.02 -14.20 26.41
C GLN A 129 -0.20 -13.03 27.36
N ARG A 130 -0.97 -12.01 26.94
CA ARG A 130 -1.23 -10.87 27.82
C ARG A 130 -2.08 -11.33 29.01
N GLU A 131 -2.86 -12.40 28.83
CA GLU A 131 -3.66 -12.97 29.95
C GLU A 131 -2.84 -13.94 30.81
N GLY A 132 -1.61 -14.27 30.39
CA GLY A 132 -0.77 -15.24 31.05
C GLY A 132 -1.20 -16.69 30.91
N ARG A 133 -1.88 -17.00 29.82
CA ARG A 133 -2.45 -18.34 29.66
C ARG A 133 -2.02 -19.03 28.37
N TRP A 134 -1.89 -20.35 28.49
CA TRP A 134 -1.53 -21.23 27.41
C TRP A 134 -2.85 -21.66 26.70
N HIS A 135 -2.99 -21.20 25.46
CA HIS A 135 -4.19 -21.38 24.65
C HIS A 135 -4.14 -22.64 23.81
N TYR A 136 -5.25 -23.39 23.79
CA TYR A 136 -5.39 -24.60 22.93
C TYR A 136 -6.36 -24.33 21.75
N VAL A 137 -5.91 -24.50 20.51
CA VAL A 137 -6.80 -24.40 19.33
C VAL A 137 -6.80 -25.71 18.60
N HIS A 138 -7.85 -25.93 17.83
CA HIS A 138 -8.00 -27.13 17.04
C HIS A 138 -7.05 -26.99 15.85
N PRO A 139 -6.17 -27.97 15.62
CA PRO A 139 -5.21 -27.92 14.53
C PRO A 139 -5.93 -28.08 13.18
N ARG A 140 -5.50 -27.35 12.18
CA ARG A 140 -6.03 -27.44 10.79
C ARG A 140 -4.85 -27.50 9.84
N THR A 141 -4.95 -28.21 8.71
CA THR A 141 -3.95 -28.13 7.65
C THR A 141 -4.12 -26.84 6.84
N ALA A 142 -3.05 -26.38 6.21
CA ALA A 142 -3.12 -25.28 5.27
C ALA A 142 -4.20 -25.48 4.17
N ALA A 143 -4.32 -26.71 3.70
CA ALA A 143 -5.24 -27.05 2.62
C ALA A 143 -6.72 -26.82 2.99
N GLU A 144 -7.06 -26.85 4.28
CA GLU A 144 -8.41 -26.54 4.68
C GLU A 144 -8.69 -25.03 4.77
N ILE A 145 -7.67 -24.19 4.60
CA ILE A 145 -7.84 -22.75 4.73
C ILE A 145 -7.90 -22.04 3.37
N ARG A 146 -9.05 -21.46 3.11
CA ARG A 146 -9.30 -20.81 1.83
C ARG A 146 -8.88 -19.36 1.90
N VAL A 147 -7.96 -18.95 1.05
CA VAL A 147 -7.37 -17.57 1.08
C VAL A 147 -7.64 -17.00 -0.33
N GLY A 148 -8.29 -15.85 -0.35
CA GLY A 148 -8.69 -15.18 -1.56
C GLY A 148 -7.84 -13.93 -1.75
N VAL A 149 -7.19 -13.80 -2.91
CA VAL A 149 -6.47 -12.55 -3.25
C VAL A 149 -7.34 -11.73 -4.26
N LEU A 150 -7.82 -10.56 -3.83
CA LEU A 150 -8.63 -9.68 -4.63
C LEU A 150 -7.70 -8.74 -5.40
N GLY A 151 -7.52 -9.00 -6.68
CA GLY A 151 -6.66 -8.23 -7.58
C GLY A 151 -5.51 -9.08 -8.03
N LEU A 152 -5.36 -9.30 -9.35
CA LEU A 152 -4.27 -10.16 -9.84
C LEU A 152 -3.43 -9.50 -10.90
N GLY A 153 -3.11 -8.23 -10.65
CA GLY A 153 -2.06 -7.51 -11.37
C GLY A 153 -0.70 -8.03 -10.95
N ASP A 154 0.36 -7.32 -11.31
CA ASP A 154 1.70 -7.83 -11.07
C ASP A 154 1.91 -8.16 -9.60
N LEU A 155 1.44 -7.29 -8.70
CA LEU A 155 1.65 -7.56 -7.28
C LEU A 155 0.77 -8.69 -6.77
N GLY A 156 -0.53 -8.69 -7.12
CA GLY A 156 -1.46 -9.68 -6.62
C GLY A 156 -1.19 -11.09 -7.12
N ALA A 157 -0.88 -11.21 -8.41
CA ALA A 157 -0.48 -12.48 -8.99
C ALA A 157 0.76 -13.04 -8.31
N ALA A 158 1.77 -12.23 -8.06
CA ALA A 158 2.96 -12.75 -7.34
C ALA A 158 2.65 -13.21 -5.92
N ALA A 159 1.80 -12.45 -5.22
CA ALA A 159 1.43 -12.86 -3.85
C ALA A 159 0.60 -14.13 -3.89
N ALA A 160 -0.35 -14.22 -4.82
CA ALA A 160 -1.16 -15.46 -4.92
C ALA A 160 -0.33 -16.74 -5.24
N LEU A 161 0.63 -16.64 -6.15
CA LEU A 161 1.55 -17.73 -6.44
C LEU A 161 2.38 -18.13 -5.23
N GLU A 162 2.85 -17.13 -4.47
CA GLU A 162 3.66 -17.43 -3.26
C GLU A 162 2.83 -18.12 -2.18
N LEU A 163 1.62 -17.65 -1.98
CA LEU A 163 0.67 -18.32 -1.06
C LEU A 163 0.39 -19.77 -1.40
N ALA A 164 0.27 -20.07 -2.68
CA ALA A 164 0.02 -21.42 -3.09
C ALA A 164 1.16 -22.35 -2.77
N ARG A 165 2.40 -21.85 -2.68
CA ARG A 165 3.53 -22.68 -2.25
C ARG A 165 3.41 -23.16 -0.83
N HIS A 166 2.70 -22.41 0.01
CA HIS A 166 2.48 -22.79 1.38
C HIS A 166 1.28 -23.75 1.65
N GLY A 167 0.67 -24.27 0.58
CA GLY A 167 -0.32 -25.31 0.70
C GLY A 167 -1.77 -24.84 0.91
N PHE A 168 -1.99 -23.52 1.02
CA PHE A 168 -3.35 -23.00 1.20
C PHE A 168 -4.24 -23.27 -0.01
N ASP A 169 -5.54 -23.30 0.22
CA ASP A 169 -6.49 -23.34 -0.91
C ASP A 169 -6.65 -21.90 -1.44
N VAL A 170 -5.77 -21.51 -2.38
CA VAL A 170 -5.64 -20.11 -2.80
C VAL A 170 -6.55 -19.83 -3.99
N ARG A 171 -7.36 -18.78 -3.86
CA ARG A 171 -8.20 -18.29 -4.94
C ARG A 171 -7.80 -16.88 -5.28
N GLY A 172 -8.09 -16.43 -6.50
CA GLY A 172 -7.88 -15.06 -6.84
C GLY A 172 -9.06 -14.53 -7.64
N TRP A 173 -9.17 -13.22 -7.65
CA TRP A 173 -10.17 -12.49 -8.41
C TRP A 173 -9.56 -11.40 -9.22
N SER A 174 -10.03 -11.27 -10.45
CA SER A 174 -9.57 -10.19 -11.29
C SER A 174 -10.74 -9.78 -12.17
N ARG A 175 -10.67 -8.57 -12.71
CA ARG A 175 -11.70 -8.11 -13.63
C ARG A 175 -11.66 -8.98 -14.90
N THR A 176 -10.48 -9.46 -15.30
CA THR A 176 -10.32 -10.16 -16.59
C THR A 176 -9.75 -11.57 -16.36
N PRO A 177 -9.90 -12.49 -17.33
CA PRO A 177 -9.43 -13.86 -17.14
C PRO A 177 -7.93 -13.94 -16.80
N LYS A 178 -7.59 -14.87 -15.92
CA LYS A 178 -6.22 -15.17 -15.47
C LYS A 178 -6.05 -16.69 -15.39
N ALA A 179 -4.81 -17.11 -15.65
CA ALA A 179 -4.39 -18.47 -15.51
C ALA A 179 -3.10 -18.45 -14.69
N LEU A 180 -3.21 -18.76 -13.42
CA LEU A 180 -2.07 -18.78 -12.53
C LEU A 180 -2.00 -20.18 -11.94
N GLU A 181 -0.85 -20.81 -12.11
CA GLU A 181 -0.66 -22.19 -11.73
C GLU A 181 -0.89 -22.38 -10.24
N GLY A 182 -1.73 -23.34 -9.88
CA GLY A 182 -2.09 -23.60 -8.47
C GLY A 182 -3.02 -22.61 -7.76
N VAL A 183 -3.63 -21.68 -8.51
CA VAL A 183 -4.53 -20.67 -7.96
C VAL A 183 -5.89 -20.82 -8.62
N SER A 184 -6.95 -20.86 -7.82
CA SER A 184 -8.30 -20.92 -8.36
C SER A 184 -8.73 -19.51 -8.73
N CYS A 185 -8.70 -19.20 -10.00
CA CYS A 185 -8.96 -17.83 -10.46
C CYS A 185 -10.43 -17.62 -10.87
N PHE A 186 -11.02 -16.52 -10.36
CA PHE A 186 -12.36 -16.08 -10.67
C PHE A 186 -12.21 -14.76 -11.40
N HIS A 187 -13.14 -14.48 -12.28
CA HIS A 187 -13.10 -13.18 -12.92
C HIS A 187 -14.47 -12.59 -13.20
N GLY A 188 -14.50 -11.25 -13.26
CA GLY A 188 -15.69 -10.46 -13.53
C GLY A 188 -16.45 -10.06 -12.28
N LEU A 189 -17.18 -8.94 -12.37
CA LEU A 189 -17.98 -8.51 -11.23
C LEU A 189 -19.04 -9.54 -10.82
N GLU A 190 -19.58 -10.26 -11.78
CA GLU A 190 -20.61 -11.25 -11.51
C GLU A 190 -20.08 -12.40 -10.62
N ALA A 191 -18.77 -12.68 -10.72
CA ALA A 191 -18.12 -13.72 -9.94
C ALA A 191 -17.66 -13.26 -8.56
N LEU A 192 -17.76 -11.98 -8.27
CA LEU A 192 -17.26 -11.46 -7.02
C LEU A 192 -17.99 -11.97 -5.78
N PRO A 193 -19.30 -12.07 -5.79
CA PRO A 193 -19.94 -12.64 -4.61
C PRO A 193 -19.53 -14.07 -4.29
N GLY A 194 -19.48 -14.97 -5.28
CA GLY A 194 -19.08 -16.35 -5.01
C GLY A 194 -17.60 -16.43 -4.59
N PHE A 195 -16.75 -15.59 -5.18
CA PHE A 195 -15.32 -15.51 -4.82
C PHE A 195 -15.18 -15.13 -3.33
N LEU A 196 -15.89 -14.08 -2.92
CA LEU A 196 -15.84 -13.64 -1.51
C LEU A 196 -16.48 -14.66 -0.55
N ALA A 197 -17.63 -15.24 -0.93
CA ALA A 197 -18.33 -16.17 -0.02
C ALA A 197 -17.49 -17.37 0.34
N GLY A 198 -16.55 -17.78 -0.52
CA GLY A 198 -15.69 -18.95 -0.18
C GLY A 198 -14.30 -18.59 0.36
N SER A 199 -14.04 -17.32 0.61
CA SER A 199 -12.74 -16.86 1.14
C SER A 199 -12.80 -16.68 2.66
N GLU A 200 -12.15 -17.55 3.40
CA GLU A 200 -12.00 -17.40 4.84
C GLU A 200 -11.07 -16.24 5.23
N ILE A 201 -9.98 -16.07 4.49
CA ILE A 201 -9.08 -14.93 4.62
C ILE A 201 -9.10 -14.21 3.31
N VAL A 202 -9.26 -12.89 3.32
CA VAL A 202 -9.25 -12.18 2.04
C VAL A 202 -8.14 -11.12 2.04
N VAL A 203 -7.42 -11.01 0.92
CA VAL A 203 -6.30 -10.00 0.78
C VAL A 203 -6.67 -9.01 -0.31
N VAL A 204 -6.88 -7.77 0.07
CA VAL A 204 -7.16 -6.72 -0.93
C VAL A 204 -5.85 -6.19 -1.55
N MET A 205 -5.68 -6.42 -2.85
CA MET A 205 -4.50 -6.01 -3.60
C MET A 205 -4.91 -5.38 -4.95
N LEU A 206 -6.03 -4.65 -4.97
CA LEU A 206 -6.51 -4.05 -6.23
C LEU A 206 -5.86 -2.71 -6.46
N PRO A 207 -5.36 -2.45 -7.66
CA PRO A 207 -5.02 -1.03 -7.90
C PRO A 207 -6.26 -0.14 -7.80
N LEU A 208 -6.07 1.13 -7.34
CA LEU A 208 -7.18 2.10 -7.13
C LEU A 208 -7.53 2.94 -8.37
N THR A 209 -8.65 2.60 -9.01
CA THR A 209 -9.14 3.31 -10.21
C THR A 209 -10.61 3.71 -9.97
N PRO A 210 -11.19 4.54 -10.86
CA PRO A 210 -12.63 4.80 -10.65
C PRO A 210 -13.51 3.51 -10.54
N GLU A 211 -13.17 2.46 -11.27
CA GLU A 211 -13.91 1.18 -11.19
C GLU A 211 -13.63 0.33 -9.91
N THR A 212 -12.52 0.56 -9.23
CA THR A 212 -12.24 -0.17 -8.00
C THR A 212 -12.44 0.67 -6.77
N ARG A 213 -12.58 2.01 -6.93
CA ARG A 213 -12.76 2.86 -5.77
C ARG A 213 -14.04 2.44 -5.10
N GLY A 214 -14.02 2.25 -3.79
CA GLY A 214 -15.17 1.77 -3.04
C GLY A 214 -15.78 0.43 -3.45
N LEU A 215 -15.02 -0.43 -4.11
CA LEU A 215 -15.56 -1.73 -4.52
C LEU A 215 -15.87 -2.61 -3.31
N MET A 216 -15.01 -2.60 -2.28
CA MET A 216 -15.28 -3.35 -1.05
C MET A 216 -16.12 -2.45 -0.13
N ASN A 217 -17.39 -2.30 -0.52
CA ASN A 217 -18.43 -1.56 0.21
C ASN A 217 -19.21 -2.49 1.16
N ALA A 218 -20.23 -1.98 1.82
CA ALA A 218 -21.04 -2.83 2.72
C ALA A 218 -21.60 -4.08 2.02
N GLU A 219 -22.15 -3.91 0.82
CA GLU A 219 -22.72 -5.05 0.11
C GLU A 219 -21.70 -6.18 -0.15
N ARG A 220 -20.50 -5.82 -0.58
CA ARG A 220 -19.43 -6.81 -0.86
C ARG A 220 -18.85 -7.44 0.39
N LEU A 221 -18.62 -6.62 1.40
CA LEU A 221 -18.20 -7.15 2.69
C LEU A 221 -19.19 -8.21 3.26
N ALA A 222 -20.49 -7.97 3.08
CA ALA A 222 -21.50 -8.89 3.55
C ALA A 222 -21.46 -10.25 2.82
N HIS A 223 -20.84 -10.33 1.64
CA HIS A 223 -20.68 -11.61 0.92
C HIS A 223 -19.64 -12.52 1.52
N LEU A 224 -18.68 -11.95 2.23
CA LEU A 224 -17.73 -12.74 2.99
C LEU A 224 -18.45 -13.58 4.01
N PRO A 225 -17.92 -14.77 4.32
CA PRO A 225 -18.48 -15.58 5.42
C PRO A 225 -18.32 -14.90 6.76
N ARG A 226 -19.29 -15.11 7.66
CA ARG A 226 -19.16 -14.60 9.01
C ARG A 226 -17.93 -15.20 9.67
N GLY A 227 -17.13 -14.34 10.28
CA GLY A 227 -15.87 -14.78 10.85
C GLY A 227 -14.66 -14.64 9.95
N ALA A 228 -14.82 -14.02 8.79
CA ALA A 228 -13.76 -13.87 7.85
C ALA A 228 -12.65 -13.00 8.44
N LYS A 229 -11.46 -13.20 7.91
CA LYS A 229 -10.27 -12.42 8.26
C LYS A 229 -9.84 -11.55 7.06
N PHE A 230 -9.63 -10.26 7.30
CA PHE A 230 -9.52 -9.25 6.24
C PHE A 230 -8.15 -8.54 6.29
N ILE A 231 -7.43 -8.53 5.17
CA ILE A 231 -6.12 -7.92 5.05
C ILE A 231 -6.19 -6.87 3.92
N ASN A 232 -5.79 -5.63 4.20
CA ASN A 232 -5.78 -4.54 3.15
C ASN A 232 -4.39 -4.00 2.97
N VAL A 233 -3.81 -4.24 1.79
CA VAL A 233 -2.50 -3.71 1.43
C VAL A 233 -2.58 -2.89 0.14
N ALA A 234 -3.77 -2.54 -0.34
CA ALA A 234 -3.89 -1.84 -1.62
C ALA A 234 -3.88 -0.34 -1.35
N ARG A 235 -5.04 0.19 -1.05
CA ARG A 235 -5.27 1.62 -0.88
C ARG A 235 -6.52 1.68 0.00
N GLY A 236 -6.51 2.62 0.93
CA GLY A 236 -7.60 2.77 1.89
C GLY A 236 -8.98 2.76 1.23
N PRO A 237 -9.16 3.54 0.13
CA PRO A 237 -10.48 3.78 -0.48
C PRO A 237 -10.97 2.73 -1.50
N VAL A 238 -10.19 1.69 -1.84
CA VAL A 238 -10.75 0.49 -2.49
C VAL A 238 -11.77 -0.08 -1.53
N VAL A 239 -11.51 0.15 -0.25
CA VAL A 239 -12.35 -0.33 0.82
C VAL A 239 -13.10 0.84 1.41
N ASP A 240 -14.40 0.66 1.62
CA ASP A 240 -15.19 1.64 2.37
C ASP A 240 -14.88 1.50 3.86
N GLU A 241 -14.17 2.47 4.43
CA GLU A 241 -13.64 2.31 5.78
C GLU A 241 -14.78 2.25 6.80
N ALA A 242 -15.81 3.06 6.58
CA ALA A 242 -16.96 3.09 7.47
C ALA A 242 -17.59 1.71 7.51
N ALA A 243 -17.79 1.11 6.36
CA ALA A 243 -18.42 -0.21 6.28
C ALA A 243 -17.55 -1.31 6.92
N LEU A 244 -16.24 -1.20 6.72
CA LEU A 244 -15.28 -2.11 7.36
C LEU A 244 -15.37 -2.06 8.89
N ILE A 245 -15.39 -0.87 9.44
CA ILE A 245 -15.50 -0.73 10.88
C ILE A 245 -16.79 -1.32 11.38
N ALA A 246 -17.86 -1.13 10.62
CA ALA A 246 -19.17 -1.68 10.99
C ALA A 246 -19.14 -3.20 11.01
N ALA A 247 -18.54 -3.81 9.99
CA ALA A 247 -18.41 -5.28 9.94
C ALA A 247 -17.54 -5.86 11.07
N LEU A 248 -16.51 -5.11 11.46
CA LEU A 248 -15.68 -5.50 12.57
C LEU A 248 -16.45 -5.42 13.88
N ARG A 249 -17.23 -4.37 14.03
CA ARG A 249 -18.04 -4.22 15.26
C ARG A 249 -19.13 -5.30 15.40
N SER A 250 -19.72 -5.75 14.30
CA SER A 250 -20.78 -6.74 14.39
C SER A 250 -20.24 -8.18 14.51
N GLY A 251 -18.93 -8.33 14.33
CA GLY A 251 -18.32 -9.64 14.31
C GLY A 251 -18.44 -10.34 12.97
N HIS A 252 -18.92 -9.65 11.93
CA HIS A 252 -18.93 -10.23 10.62
C HIS A 252 -17.52 -10.52 10.10
N ILE A 253 -16.60 -9.59 10.33
CA ILE A 253 -15.20 -9.83 10.11
C ILE A 253 -14.67 -10.02 11.51
N ALA A 254 -13.99 -11.15 11.71
CA ALA A 254 -13.46 -11.51 13.00
C ALA A 254 -12.16 -10.75 13.39
N GLU A 255 -11.33 -10.51 12.40
CA GLU A 255 -10.06 -9.85 12.61
C GLU A 255 -9.50 -9.28 11.32
N ALA A 256 -8.60 -8.33 11.43
CA ALA A 256 -8.06 -7.67 10.29
C ALA A 256 -6.64 -7.19 10.52
N THR A 257 -5.96 -7.03 9.39
CA THR A 257 -4.64 -6.48 9.29
C THR A 257 -4.73 -5.41 8.16
N LEU A 258 -4.48 -4.15 8.54
CA LEU A 258 -4.74 -3.00 7.67
C LEU A 258 -3.46 -2.17 7.60
N ASP A 259 -2.92 -2.06 6.38
CA ASP A 259 -1.67 -1.33 6.12
C ASP A 259 -1.86 0.04 5.45
N VAL A 260 -3.10 0.35 5.07
CA VAL A 260 -3.45 1.50 4.29
C VAL A 260 -4.85 2.00 4.75
N PHE A 261 -5.10 3.32 4.68
CA PHE A 261 -6.30 3.88 5.30
C PHE A 261 -6.80 5.00 4.46
N GLU A 262 -8.05 5.39 4.69
CA GLU A 262 -8.58 6.53 3.96
C GLU A 262 -7.78 7.80 4.20
N VAL A 263 -7.42 8.11 5.45
CA VAL A 263 -6.57 9.26 5.77
C VAL A 263 -5.31 8.76 6.49
N GLU A 264 -4.14 9.20 6.03
CA GLU A 264 -2.83 8.74 6.56
C GLU A 264 -1.87 9.89 6.83
N PRO A 265 -1.16 9.90 7.95
CA PRO A 265 -1.27 8.92 9.02
C PRO A 265 -2.70 8.82 9.57
N LEU A 266 -3.08 7.63 9.98
CA LEU A 266 -4.42 7.37 10.54
C LEU A 266 -4.76 8.27 11.70
N PRO A 267 -5.85 9.05 11.62
CA PRO A 267 -6.05 10.02 12.68
C PRO A 267 -6.19 9.38 14.07
N VAL A 268 -5.80 10.14 15.08
CA VAL A 268 -5.79 9.63 16.47
C VAL A 268 -7.14 9.06 16.92
N GLY A 269 -8.25 9.68 16.49
CA GLY A 269 -9.57 9.23 16.90
C GLY A 269 -10.17 8.04 16.17
N SER A 270 -9.47 7.45 15.18
CA SER A 270 -10.02 6.29 14.54
C SER A 270 -10.29 5.18 15.55
N PRO A 271 -11.45 4.50 15.43
CA PRO A 271 -11.74 3.34 16.29
C PRO A 271 -10.85 2.12 16.02
N LEU A 272 -10.17 2.11 14.90
CA LEU A 272 -9.26 1.01 14.56
C LEU A 272 -8.07 0.85 15.51
N TRP A 273 -7.55 1.95 16.04
CA TRP A 273 -6.37 1.86 16.91
C TRP A 273 -6.61 0.95 18.13
N ALA A 274 -7.76 1.12 18.80
CA ALA A 274 -8.00 0.41 20.05
C ALA A 274 -8.62 -0.94 19.86
N MET A 275 -8.88 -1.36 18.63
CA MET A 275 -9.47 -2.68 18.42
C MET A 275 -8.43 -3.79 18.59
N ASP A 276 -8.64 -4.63 19.60
CA ASP A 276 -7.84 -5.81 19.88
C ASP A 276 -7.67 -6.77 18.73
N ASN A 277 -8.68 -6.85 17.87
CA ASN A 277 -8.66 -7.77 16.71
C ASN A 277 -8.22 -7.18 15.37
N VAL A 278 -7.66 -5.95 15.41
CA VAL A 278 -7.10 -5.30 14.25
C VAL A 278 -5.61 -5.04 14.52
N LEU A 279 -4.76 -5.35 13.53
CA LEU A 279 -3.37 -4.89 13.52
C LEU A 279 -3.26 -3.78 12.51
N VAL A 280 -2.86 -2.61 13.00
CA VAL A 280 -2.62 -1.43 12.17
C VAL A 280 -1.12 -1.41 11.88
N THR A 281 -0.80 -1.41 10.60
CA THR A 281 0.57 -1.23 10.16
C THR A 281 0.69 0.06 9.32
N PRO A 282 1.76 0.81 9.52
CA PRO A 282 1.69 2.08 8.83
C PRO A 282 2.43 2.08 7.50
N HIS A 283 1.78 1.61 6.43
CA HIS A 283 2.40 1.60 5.09
C HIS A 283 3.68 0.82 4.95
N LEU A 284 3.71 -0.36 5.52
CA LEU A 284 4.87 -1.20 5.49
C LEU A 284 4.96 -2.09 4.29
N ALA A 285 3.85 -2.34 3.60
CA ALA A 285 3.89 -3.37 2.55
C ALA A 285 4.62 -2.86 1.32
N SER A 286 4.45 -1.58 1.05
CA SER A 286 4.80 -0.95 -0.21
C SER A 286 5.76 0.24 -0.01
N ILE A 287 6.55 0.21 1.06
CA ILE A 287 7.45 1.34 1.41
C ILE A 287 8.62 1.56 0.42
N ALA A 288 8.81 2.79 -0.04
CA ALA A 288 9.98 3.13 -0.83
C ALA A 288 11.30 3.22 -0.02
N ILE A 289 12.34 2.66 -0.61
CA ILE A 289 13.64 2.51 0.06
C ILE A 289 14.60 3.53 -0.49
N PRO A 290 15.03 4.48 0.34
CA PRO A 290 15.84 5.60 -0.19
C PRO A 290 17.13 5.18 -0.92
N ARG A 291 17.86 4.22 -0.36
CA ARG A 291 19.15 3.81 -0.91
C ARG A 291 18.99 3.26 -2.33
N THR A 292 17.94 2.49 -2.56
CA THR A 292 17.76 1.81 -3.84
C THR A 292 16.98 2.65 -4.83
N ALA A 293 16.22 3.63 -4.36
CA ALA A 293 15.47 4.55 -5.27
C ALA A 293 16.24 5.84 -5.68
N ALA A 294 17.17 6.30 -4.83
CA ALA A 294 17.87 7.58 -5.06
C ALA A 294 18.60 7.67 -6.39
N PRO A 295 19.25 6.58 -6.83
CA PRO A 295 19.98 6.61 -8.10
C PRO A 295 19.14 6.93 -9.31
N GLN A 296 17.95 6.31 -9.44
CA GLN A 296 17.06 6.61 -10.57
C GLN A 296 16.49 8.03 -10.51
N ILE A 297 16.32 8.59 -9.31
CA ILE A 297 15.92 9.99 -9.18
C ILE A 297 17.04 10.94 -9.69
N VAL A 298 18.26 10.73 -9.19
CA VAL A 298 19.43 11.49 -9.64
C VAL A 298 19.65 11.39 -11.16
N GLU A 299 19.46 10.20 -11.73
CA GLU A 299 19.55 10.03 -13.19
C GLU A 299 18.44 10.76 -13.99
N ASN A 300 17.25 10.86 -13.42
CA ASN A 300 16.18 11.59 -14.08
C ASN A 300 16.37 13.10 -13.98
N ILE A 301 16.99 13.54 -12.90
CA ILE A 301 17.37 14.93 -12.77
C ILE A 301 18.33 15.28 -13.91
N ARG A 302 19.35 14.47 -14.08
CA ARG A 302 20.29 14.75 -15.17
C ARG A 302 19.61 14.65 -16.55
N ARG A 303 18.74 13.67 -16.77
CA ARG A 303 18.06 13.58 -18.07
C ARG A 303 17.21 14.82 -18.36
N ILE A 304 16.43 15.27 -17.38
CA ILE A 304 15.57 16.42 -17.55
C ILE A 304 16.45 17.65 -17.84
N GLU A 305 17.60 17.74 -17.17
CA GLU A 305 18.55 18.83 -17.38
C GLU A 305 19.36 18.76 -18.69
N ALA A 306 19.38 17.59 -19.34
CA ALA A 306 19.99 17.47 -20.66
C ALA A 306 18.94 17.30 -21.77
N GLY A 307 17.66 17.40 -21.42
CA GLY A 307 16.59 17.29 -22.42
C GLY A 307 16.45 15.89 -22.97
N GLU A 308 16.78 14.90 -22.14
CA GLU A 308 16.58 13.52 -22.51
C GLU A 308 15.29 13.01 -21.91
N PRO A 309 14.66 12.00 -22.54
CA PRO A 309 13.42 11.56 -21.91
C PRO A 309 13.70 10.93 -20.53
N VAL A 310 12.72 11.02 -19.63
CA VAL A 310 12.89 10.52 -18.28
C VAL A 310 12.49 9.04 -18.20
N LEU A 311 13.19 8.30 -17.35
CA LEU A 311 12.86 6.92 -17.03
C LEU A 311 11.59 6.89 -16.16
N ASN A 312 10.77 5.85 -16.36
CA ASN A 312 9.58 5.59 -15.51
C ASN A 312 8.50 6.66 -15.47
N GLN A 313 8.21 7.25 -16.61
CA GLN A 313 7.19 8.30 -16.69
C GLN A 313 5.77 7.71 -16.59
N VAL A 314 4.88 8.38 -15.86
CA VAL A 314 3.51 7.91 -15.65
C VAL A 314 2.57 8.80 -16.44
#